data_4D4Z
#
_entry.id   4D4Z
#
_cell.length_a   46.051
_cell.length_b   70.175
_cell.length_c   101.275
_cell.angle_alpha   90.00
_cell.angle_beta   102.71
_cell.angle_gamma   90.00
#
_symmetry.space_group_name_H-M   'P 1 21 1'
#
loop_
_entity.id
_entity.type
_entity.pdbx_description
1 polymer 'DEOXYHYPUSINE HYDROXYLASE'
2 non-polymer 'FE (III) ION'
3 non-polymer 'HYDROXIDE ION'
4 non-polymer GLYCEROL
5 non-polymer 2-[3-(2-HYDROXY-1,1-DIHYDROXYMETHYL-ETHYLAMINO)-PROPYLAMINO]-2-HYDROXYMETHYL-PROPANE-1,3-DIOL
6 water water
#
_entity_poly.entity_id   1
_entity_poly.type   'polypeptide(L)'
_entity_poly.pdbx_seq_one_letter_code
;GPLGSMVTEQEVDAIGQTLVDPKQPLQARFRALFTLRGLGGPGAIAWISQAFDDDSALLKHELAYCLGQMQDARAIPMLV
DVLQDTRQEPMVRHEAGEALGAIGDPEVLEILKQYSSDPVIEVAETCQLAVRRLEWLQQHGGEPAAGPYLSVDPAPPAEE
RDVGRLREALLDESRPLFERYRAMFALRNAGGEEAALALAEGLHCGSALFRHEVGYVLGQLQHEAAVPQLAAALARCTEN
PMVRHECAEALGAIARPACLAALQAHADDPERVVRESCEVALDMYEHETGRAFQ
;
_entity_poly.pdbx_strand_id   A,B
#
# COMPACT_ATOMS: atom_id res chain seq x y z
N GLY A 1 9.19 -13.01 6.92
CA GLY A 1 10.71 -13.03 6.85
C GLY A 1 11.35 -11.69 6.52
N PRO A 2 12.69 -11.60 6.66
CA PRO A 2 13.41 -10.40 6.36
C PRO A 2 13.60 -10.09 4.85
N LEU A 3 13.25 -10.98 3.92
CA LEU A 3 13.49 -10.73 2.48
C LEU A 3 12.32 -9.99 1.81
N GLY A 4 11.15 -10.06 2.38
CA GLY A 4 9.94 -9.47 1.71
C GLY A 4 10.16 -7.96 1.44
N SER A 5 10.66 -7.29 2.45
CA SER A 5 11.01 -5.88 2.36
C SER A 5 12.09 -5.49 1.29
N MET A 6 13.18 -6.28 0.90
CA MET A 6 14.13 -6.27 -0.20
C MET A 6 13.39 -6.59 -1.52
N VAL A 7 12.52 -7.61 -1.54
CA VAL A 7 11.85 -8.01 -2.76
C VAL A 7 10.93 -6.87 -3.19
N THR A 8 10.27 -6.31 -2.22
CA THR A 8 9.32 -5.19 -2.51
C THR A 8 10.07 -4.00 -3.14
N GLU A 9 11.24 -3.64 -2.62
CA GLU A 9 12.04 -2.55 -3.24
C GLU A 9 12.45 -2.92 -4.68
N GLN A 10 12.83 -4.20 -4.93
CA GLN A 10 13.11 -4.69 -6.26
C GLN A 10 11.89 -4.52 -7.22
N GLU A 11 10.69 -4.81 -6.72
CA GLU A 11 9.48 -4.74 -7.52
C GLU A 11 9.15 -3.24 -7.76
N VAL A 12 9.29 -2.43 -6.77
CA VAL A 12 9.06 -0.95 -6.96
C VAL A 12 9.97 -0.47 -8.08
N ASP A 13 11.27 -0.79 -8.01
CA ASP A 13 12.17 -0.38 -9.10
C ASP A 13 11.82 -0.90 -10.49
N ALA A 14 11.38 -2.14 -10.64
CA ALA A 14 10.98 -2.68 -11.90
C ALA A 14 9.82 -1.94 -12.49
N ILE A 15 8.88 -1.72 -11.59
CA ILE A 15 7.59 -1.00 -11.93
C ILE A 15 7.87 0.43 -12.29
N GLY A 16 8.67 1.11 -11.46
CA GLY A 16 9.10 2.53 -11.72
C GLY A 16 9.79 2.66 -13.10
N GLN A 17 10.62 1.69 -13.46
CA GLN A 17 11.31 1.73 -14.76
C GLN A 17 10.30 1.67 -15.91
N THR A 18 9.24 0.89 -15.80
CA THR A 18 8.14 0.93 -16.74
C THR A 18 7.46 2.32 -16.80
N LEU A 19 7.13 2.87 -15.66
CA LEU A 19 6.40 4.15 -15.62
C LEU A 19 7.19 5.27 -16.32
N VAL A 20 8.49 5.33 -16.08
CA VAL A 20 9.30 6.45 -16.56
C VAL A 20 9.69 6.28 -18.01
N ASP A 21 9.41 5.14 -18.65
CA ASP A 21 9.85 4.86 -20.04
C ASP A 21 8.85 5.39 -21.05
N PRO A 22 9.20 6.43 -21.82
CA PRO A 22 8.27 7.04 -22.74
C PRO A 22 7.89 6.14 -23.93
N LYS A 23 8.65 5.09 -24.09
CA LYS A 23 8.38 4.13 -25.14
C LYS A 23 7.34 3.11 -24.78
N GLN A 24 6.97 2.99 -23.51
CA GLN A 24 5.88 2.11 -23.13
C GLN A 24 4.51 2.68 -23.48
N PRO A 25 3.54 1.84 -23.85
CA PRO A 25 2.22 2.40 -24.10
C PRO A 25 1.58 2.96 -22.86
N LEU A 26 0.70 3.94 -23.02
CA LEU A 26 0.09 4.62 -21.93
C LEU A 26 -0.57 3.66 -20.96
N GLN A 27 -1.22 2.61 -21.47
CA GLN A 27 -1.94 1.81 -20.55
C GLN A 27 -0.99 1.06 -19.62
N ALA A 28 0.16 0.67 -20.13
CA ALA A 28 1.10 -0.07 -19.34
C ALA A 28 1.70 0.89 -18.28
N ARG A 29 1.89 2.15 -18.69
CA ARG A 29 2.39 3.13 -17.73
C ARG A 29 1.40 3.48 -16.61
N PHE A 30 0.12 3.62 -16.94
CA PHE A 30 -0.87 3.74 -15.96
C PHE A 30 -0.94 2.55 -15.02
N ARG A 31 -0.83 1.33 -15.53
CA ARG A 31 -0.86 0.17 -14.64
C ARG A 31 0.31 0.22 -13.64
N ALA A 32 1.45 0.68 -14.13
CA ALA A 32 2.64 0.85 -13.25
C ALA A 32 2.35 1.90 -12.20
N LEU A 33 1.88 3.08 -12.63
CA LEU A 33 1.60 4.17 -11.76
C LEU A 33 0.64 3.75 -10.63
N PHE A 34 -0.46 3.12 -10.99
CA PHE A 34 -1.43 2.81 -9.94
CA PHE A 34 -1.47 2.77 -10.01
C PHE A 34 -0.92 1.72 -9.00
N THR A 35 -0.03 0.89 -9.48
CA THR A 35 0.63 -0.09 -8.61
C THR A 35 1.57 0.57 -7.63
N LEU A 36 2.39 1.49 -8.12
CA LEU A 36 3.21 2.32 -7.22
C LEU A 36 2.44 3.15 -6.23
N ARG A 37 1.29 3.71 -6.62
CA ARG A 37 0.46 4.41 -5.71
C ARG A 37 0.05 3.56 -4.54
N GLY A 38 -0.29 2.34 -4.83
CA GLY A 38 -0.73 1.41 -3.78
C GLY A 38 0.43 0.97 -2.90
N LEU A 39 1.57 0.71 -3.52
CA LEU A 39 2.71 0.20 -2.76
C LEU A 39 3.26 1.22 -1.77
N GLY A 40 3.40 2.45 -2.27
CA GLY A 40 3.86 3.55 -1.43
C GLY A 40 5.35 3.49 -1.10
N GLY A 41 5.69 4.44 -0.27
CA GLY A 41 7.11 4.57 0.20
C GLY A 41 7.93 5.51 -0.62
N PRO A 42 9.15 5.77 -0.15
CA PRO A 42 9.94 6.77 -0.79
C PRO A 42 10.45 6.42 -2.13
N GLY A 43 10.74 5.16 -2.41
CA GLY A 43 11.12 4.69 -3.73
C GLY A 43 10.02 4.99 -4.75
N ALA A 44 8.81 4.60 -4.38
CA ALA A 44 7.63 4.81 -5.23
C ALA A 44 7.42 6.32 -5.54
N ILE A 45 7.50 7.17 -4.52
CA ILE A 45 7.36 8.61 -4.68
C ILE A 45 8.40 9.13 -5.65
N ALA A 46 9.65 8.68 -5.49
CA ALA A 46 10.70 9.10 -6.42
C ALA A 46 10.49 8.67 -7.87
N TRP A 47 10.00 7.46 -8.14
CA TRP A 47 9.76 7.00 -9.48
C TRP A 47 8.58 7.83 -10.13
N ILE A 48 7.53 8.02 -9.35
CA ILE A 48 6.34 8.77 -9.80
C ILE A 48 6.84 10.16 -10.17
N SER A 49 7.63 10.74 -9.25
CA SER A 49 8.10 12.15 -9.45
C SER A 49 8.95 12.32 -10.70
N GLN A 50 9.69 11.28 -11.09
CA GLN A 50 10.57 11.31 -12.25
C GLN A 50 9.78 11.48 -13.56
N ALA A 51 8.50 11.06 -13.62
CA ALA A 51 7.75 11.10 -14.86
C ALA A 51 7.09 12.48 -15.14
N PHE A 52 7.29 13.49 -14.27
CA PHE A 52 6.66 14.81 -14.42
C PHE A 52 7.11 15.64 -15.62
N ASP A 53 8.07 15.14 -16.35
CA ASP A 53 8.34 15.85 -17.61
C ASP A 53 8.03 15.07 -18.86
N ASP A 54 7.10 14.14 -18.69
CA ASP A 54 6.57 13.48 -19.85
C ASP A 54 5.76 14.42 -20.75
N ASP A 55 5.64 14.08 -22.02
CA ASP A 55 4.81 14.89 -22.96
C ASP A 55 3.30 14.77 -22.71
N SER A 56 2.84 13.71 -22.05
CA SER A 56 1.40 13.49 -21.85
C SER A 56 0.92 14.29 -20.60
N ALA A 57 0.11 15.32 -20.82
CA ALA A 57 -0.56 16.02 -19.72
C ALA A 57 -1.49 15.07 -18.94
N LEU A 58 -2.12 14.11 -19.64
CA LEU A 58 -2.92 13.11 -18.94
C LEU A 58 -2.10 12.31 -17.92
N LEU A 59 -0.96 11.79 -18.36
CA LEU A 59 -0.16 11.02 -17.47
C LEU A 59 0.36 11.91 -16.32
N LYS A 60 0.89 13.09 -16.65
CA LYS A 60 1.45 13.95 -15.65
C LYS A 60 0.45 14.30 -14.53
N HIS A 61 -0.80 14.58 -14.95
CA HIS A 61 -1.80 14.96 -13.95
C HIS A 61 -2.15 13.75 -13.05
N GLU A 62 -2.13 12.54 -13.62
CA GLU A 62 -2.40 11.34 -12.82
C GLU A 62 -1.25 11.11 -11.81
N LEU A 63 0.00 11.45 -12.17
CA LEU A 63 1.09 11.39 -11.20
C LEU A 63 0.76 12.19 -9.97
N ALA A 64 0.30 13.43 -10.19
CA ALA A 64 -0.06 14.29 -9.08
C ALA A 64 -1.25 13.77 -8.26
N TYR A 65 -2.26 13.28 -8.96
CA TYR A 65 -3.44 12.72 -8.31
C TYR A 65 -3.00 11.61 -7.38
N CYS A 66 -2.13 10.74 -7.90
CA CYS A 66 -1.66 9.61 -7.07
C CYS A 66 -0.88 10.06 -5.85
N LEU A 67 0.02 11.01 -6.02
CA LEU A 67 0.75 11.59 -4.89
C LEU A 67 -0.18 12.20 -3.83
N GLY A 68 -1.26 12.85 -4.21
CA GLY A 68 -2.20 13.34 -3.29
C GLY A 68 -2.86 12.23 -2.49
N GLN A 69 -3.32 11.21 -3.21
CA GLN A 69 -4.09 10.09 -2.59
C GLN A 69 -3.18 9.30 -1.65
N MET A 70 -1.90 9.30 -1.93
CA MET A 70 -0.93 8.56 -1.06
C MET A 70 -0.76 9.23 0.30
N GLN A 71 -1.08 10.52 0.41
CA GLN A 71 -1.09 11.28 1.66
C GLN A 71 0.26 11.21 2.38
N ASP A 72 1.34 11.21 1.61
CA ASP A 72 2.72 11.13 2.15
C ASP A 72 3.43 12.44 1.94
N ALA A 73 3.79 13.08 3.05
CA ALA A 73 4.38 14.41 2.98
C ALA A 73 5.65 14.50 2.21
N ARG A 74 6.36 13.39 2.00
CA ARG A 74 7.55 13.33 1.19
C ARG A 74 7.33 13.83 -0.25
N ALA A 75 6.07 13.79 -0.70
CA ALA A 75 5.75 14.28 -2.01
C ALA A 75 5.65 15.77 -2.14
N ILE A 76 5.58 16.48 -1.04
CA ILE A 76 5.24 17.91 -1.06
C ILE A 76 6.20 18.69 -1.93
N PRO A 77 7.51 18.51 -1.76
CA PRO A 77 8.38 19.33 -2.60
C PRO A 77 8.15 19.26 -4.09
N MET A 78 7.98 18.07 -4.62
CA MET A 78 7.71 17.91 -6.04
C MET A 78 6.37 18.52 -6.45
N LEU A 79 5.35 18.30 -5.64
CA LEU A 79 4.05 18.87 -5.92
C LEU A 79 4.08 20.43 -5.96
N VAL A 80 4.86 21.01 -5.04
CA VAL A 80 5.07 22.45 -5.05
C VAL A 80 5.74 22.88 -6.35
N ASP A 81 6.82 22.23 -6.78
CA ASP A 81 7.50 22.53 -8.04
C ASP A 81 6.61 22.44 -9.24
N VAL A 82 5.73 21.44 -9.29
CA VAL A 82 4.77 21.32 -10.34
C VAL A 82 3.74 22.44 -10.31
N LEU A 83 3.19 22.75 -9.18
CA LEU A 83 2.18 23.83 -9.06
C LEU A 83 2.81 25.16 -9.55
N GLN A 84 4.06 25.38 -9.18
CA GLN A 84 4.71 26.70 -9.54
C GLN A 84 5.20 26.75 -10.93
N ASP A 85 5.29 25.66 -11.64
CA ASP A 85 5.87 25.62 -12.99
C ASP A 85 4.82 26.10 -13.98
N THR A 86 4.95 27.35 -14.45
CA THR A 86 3.95 27.84 -15.36
C THR A 86 3.96 27.22 -16.77
N ARG A 87 4.98 26.46 -17.16
CA ARG A 87 5.00 25.68 -18.35
C ARG A 87 4.19 24.39 -18.27
N GLN A 88 3.85 23.96 -17.05
CA GLN A 88 2.93 22.83 -16.94
C GLN A 88 1.52 23.21 -17.35
N GLU A 89 0.80 22.30 -17.98
CA GLU A 89 -0.58 22.58 -18.37
C GLU A 89 -1.45 22.91 -17.20
N PRO A 90 -2.48 23.72 -17.40
CA PRO A 90 -3.38 24.01 -16.27
C PRO A 90 -3.86 22.77 -15.51
N MET A 91 -4.22 21.73 -16.22
CA MET A 91 -4.79 20.58 -15.51
CA MET A 91 -4.74 20.56 -15.62
C MET A 91 -3.72 19.89 -14.66
N VAL A 92 -2.46 19.96 -15.03
CA VAL A 92 -1.37 19.31 -14.27
C VAL A 92 -1.09 20.18 -13.01
N ARG A 93 -1.04 21.50 -13.19
CA ARG A 93 -0.90 22.39 -12.04
C ARG A 93 -2.09 22.33 -11.03
N HIS A 94 -3.29 22.23 -11.57
CA HIS A 94 -4.46 22.02 -10.73
C HIS A 94 -4.31 20.72 -9.93
N GLU A 95 -3.89 19.66 -10.59
CA GLU A 95 -3.92 18.38 -9.91
C GLU A 95 -2.86 18.37 -8.75
N ALA A 96 -1.79 19.12 -8.97
CA ALA A 96 -0.70 19.24 -7.95
C ALA A 96 -1.22 20.07 -6.80
N GLY A 97 -1.92 21.19 -7.02
CA GLY A 97 -2.52 21.92 -5.99
C GLY A 97 -3.51 21.17 -5.13
N GLU A 98 -4.36 20.44 -5.86
CA GLU A 98 -5.35 19.62 -5.19
C GLU A 98 -4.63 18.58 -4.29
N ALA A 99 -3.56 17.98 -4.82
CA ALA A 99 -2.82 16.90 -4.13
C ALA A 99 -2.17 17.44 -2.86
N LEU A 100 -1.68 18.68 -2.93
CA LEU A 100 -1.20 19.34 -1.68
C LEU A 100 -2.27 19.45 -0.63
N GLY A 101 -3.50 19.78 -1.02
CA GLY A 101 -4.67 19.73 -0.09
C GLY A 101 -4.94 18.30 0.40
N ALA A 102 -4.81 17.33 -0.50
CA ALA A 102 -5.13 15.94 -0.12
C ALA A 102 -4.21 15.37 0.92
N ILE A 103 -2.97 15.75 0.85
CA ILE A 103 -2.00 15.26 1.83
C ILE A 103 -2.34 15.75 3.25
N GLY A 104 -2.92 16.92 3.32
CA GLY A 104 -3.49 17.43 4.61
C GLY A 104 -2.44 18.01 5.56
N ASP A 105 -1.22 18.27 5.12
CA ASP A 105 -0.15 18.82 5.96
C ASP A 105 -0.22 20.32 5.80
N PRO A 106 -0.56 21.01 6.87
CA PRO A 106 -0.74 22.45 6.76
C PRO A 106 0.52 23.29 6.54
N GLU A 107 1.70 22.69 6.46
CA GLU A 107 2.93 23.37 5.98
C GLU A 107 2.75 24.01 4.60
N VAL A 108 1.84 23.47 3.79
CA VAL A 108 1.63 23.96 2.43
C VAL A 108 0.64 25.13 2.34
N LEU A 109 0.11 25.57 3.44
CA LEU A 109 -0.95 26.58 3.41
C LEU A 109 -0.54 27.92 2.79
N GLU A 110 0.68 28.37 3.09
CA GLU A 110 1.11 29.66 2.54
C GLU A 110 1.23 29.63 1.04
N ILE A 111 1.76 28.52 0.51
CA ILE A 111 1.87 28.42 -0.97
C ILE A 111 0.47 28.33 -1.58
N LEU A 112 -0.43 27.59 -0.92
CA LEU A 112 -1.77 27.49 -1.50
C LEU A 112 -2.51 28.83 -1.51
N LYS A 113 -2.30 29.62 -0.45
CA LYS A 113 -2.93 30.97 -0.43
C LYS A 113 -2.35 31.84 -1.51
N GLN A 114 -1.05 31.77 -1.78
CA GLN A 114 -0.39 32.50 -2.83
C GLN A 114 -0.99 32.19 -4.20
N TYR A 115 -1.17 30.90 -4.46
CA TYR A 115 -1.66 30.46 -5.79
C TYR A 115 -3.16 30.51 -5.89
N SER A 116 -3.83 30.88 -4.81
CA SER A 116 -5.25 31.19 -4.83
C SER A 116 -5.64 32.39 -5.70
N SER A 117 -4.66 33.26 -5.99
CA SER A 117 -4.86 34.32 -7.00
C SER A 117 -4.09 34.11 -8.30
N ASP A 118 -3.75 32.86 -8.66
CA ASP A 118 -3.05 32.60 -9.87
C ASP A 118 -3.92 33.10 -11.05
N PRO A 119 -3.28 33.59 -12.13
CA PRO A 119 -4.04 34.00 -13.29
C PRO A 119 -4.70 32.88 -14.11
N VAL A 120 -4.30 31.62 -13.87
CA VAL A 120 -4.98 30.47 -14.46
C VAL A 120 -6.12 30.10 -13.52
N ILE A 121 -7.36 30.27 -13.99
CA ILE A 121 -8.52 30.19 -13.17
C ILE A 121 -8.65 28.78 -12.51
N GLU A 122 -8.32 27.74 -13.25
CA GLU A 122 -8.43 26.37 -12.68
C GLU A 122 -7.49 26.22 -11.51
N VAL A 123 -6.33 26.85 -11.59
CA VAL A 123 -5.33 26.78 -10.54
C VAL A 123 -5.77 27.59 -9.34
N ALA A 124 -6.21 28.82 -9.56
CA ALA A 124 -6.76 29.59 -8.51
C ALA A 124 -7.86 28.96 -7.72
N GLU A 125 -8.85 28.42 -8.43
CA GLU A 125 -9.96 27.79 -7.76
C GLU A 125 -9.54 26.56 -6.98
N THR A 126 -8.64 25.76 -7.55
CA THR A 126 -8.13 24.55 -6.88
C THR A 126 -7.53 24.91 -5.52
N CYS A 127 -6.69 25.93 -5.57
CA CYS A 127 -5.97 26.32 -4.37
C CYS A 127 -6.89 26.91 -3.36
N GLN A 128 -7.87 27.67 -3.80
CA GLN A 128 -8.92 28.18 -2.86
C GLN A 128 -9.62 27.03 -2.10
N LEU A 129 -9.97 26.03 -2.85
CA LEU A 129 -10.65 24.87 -2.28
C LEU A 129 -9.71 24.11 -1.34
N ALA A 130 -8.46 23.97 -1.73
CA ALA A 130 -7.44 23.27 -0.94
C ALA A 130 -7.25 23.95 0.44
N VAL A 131 -7.20 25.26 0.41
CA VAL A 131 -7.08 26.05 1.66
C VAL A 131 -8.31 25.80 2.54
N ARG A 132 -9.51 25.85 1.95
CA ARG A 132 -10.75 25.55 2.68
C ARG A 132 -10.67 24.14 3.26
N ARG A 133 -10.23 23.15 2.50
CA ARG A 133 -10.13 21.74 3.02
C ARG A 133 -9.17 21.67 4.21
N LEU A 134 -8.00 22.29 4.11
CA LEU A 134 -7.02 22.32 5.20
C LEU A 134 -7.56 23.02 6.46
N GLU A 135 -8.27 24.09 6.26
CA GLU A 135 -8.90 24.83 7.37
C GLU A 135 -10.00 24.01 7.99
N TRP A 136 -10.72 23.23 7.20
CA TRP A 136 -11.70 22.32 7.75
C TRP A 136 -11.10 21.19 8.55
N LEU A 137 -10.03 20.59 8.04
CA LEU A 137 -9.32 19.53 8.72
C LEU A 137 -8.84 20.09 10.09
N GLN A 138 -8.28 21.30 10.11
CA GLN A 138 -7.77 21.93 11.36
C GLN A 138 -8.91 22.11 12.34
N GLN A 139 -10.05 22.56 11.87
CA GLN A 139 -11.21 22.84 12.73
C GLN A 139 -11.88 21.57 13.30
N HIS A 140 -11.92 20.53 12.50
CA HIS A 140 -12.55 19.26 12.88
C HIS A 140 -11.64 18.26 13.51
N GLY A 141 -10.35 18.53 13.56
CA GLY A 141 -9.43 17.65 14.28
C GLY A 141 -8.91 16.48 13.44
N GLY A 142 -9.03 16.61 12.11
CA GLY A 142 -8.52 15.57 11.19
C GLY A 142 -9.50 15.24 10.10
N GLU A 143 -9.23 14.13 9.37
CA GLU A 143 -10.08 13.73 8.22
C GLU A 143 -11.50 13.39 8.64
N PRO A 144 -12.46 13.58 7.74
CA PRO A 144 -13.82 13.15 8.01
C PRO A 144 -13.89 11.64 8.27
N ALA A 145 -14.97 11.20 8.91
CA ALA A 145 -15.24 9.77 9.12
C ALA A 145 -15.22 9.09 7.74
N ALA A 146 -14.69 7.89 7.66
CA ALA A 146 -14.64 7.18 6.39
C ALA A 146 -16.05 7.09 5.78
N GLY A 147 -16.13 7.41 4.50
CA GLY A 147 -17.38 7.33 3.76
C GLY A 147 -17.37 6.09 2.89
N PRO A 148 -18.30 6.02 1.93
CA PRO A 148 -18.42 4.87 1.05
C PRO A 148 -17.33 4.75 -0.05
N TYR A 149 -16.47 5.80 -0.24
CA TYR A 149 -15.48 5.78 -1.31
C TYR A 149 -14.16 5.91 -0.62
N LEU A 150 -13.17 5.26 -1.18
CA LEU A 150 -11.82 5.15 -0.55
C LEU A 150 -10.94 6.37 -0.92
N SER A 151 -11.43 7.19 -1.80
CA SER A 151 -10.68 8.38 -2.27
C SER A 151 -10.59 9.42 -1.22
N VAL A 152 -9.53 10.24 -1.31
CA VAL A 152 -9.37 11.42 -0.53
C VAL A 152 -9.89 12.61 -1.34
N ASP A 153 -11.03 13.11 -0.91
CA ASP A 153 -11.75 14.07 -1.74
C ASP A 153 -11.37 15.51 -1.45
N PRO A 154 -11.66 16.43 -2.36
CA PRO A 154 -11.27 17.86 -2.13
C PRO A 154 -12.18 18.61 -1.15
N ALA A 155 -13.35 18.05 -0.83
CA ALA A 155 -14.21 18.56 0.26
C ALA A 155 -14.89 17.43 0.93
N PRO A 156 -15.20 17.61 2.22
CA PRO A 156 -16.03 16.66 2.92
C PRO A 156 -17.50 16.78 2.51
N PRO A 157 -18.25 15.68 2.58
CA PRO A 157 -19.63 15.72 2.15
C PRO A 157 -20.50 16.63 3.05
N ALA A 158 -21.44 17.31 2.43
CA ALA A 158 -22.49 18.11 3.12
C ALA A 158 -23.26 17.17 4.07
N GLU A 159 -23.75 17.77 5.16
CA GLU A 159 -24.64 17.03 6.10
C GLU A 159 -26.04 16.74 5.61
N GLU A 160 -26.56 17.63 4.80
CA GLU A 160 -27.89 17.52 4.21
C GLU A 160 -28.05 16.20 3.50
N ARG A 161 -29.14 15.51 3.79
CA ARG A 161 -29.37 14.19 3.25
C ARG A 161 -30.43 14.19 2.17
N ASP A 162 -31.23 15.25 2.07
CA ASP A 162 -32.25 15.32 1.09
C ASP A 162 -31.64 15.61 -0.28
N VAL A 163 -31.87 14.70 -1.21
CA VAL A 163 -31.29 14.83 -2.57
C VAL A 163 -31.76 16.07 -3.28
N GLY A 164 -33.05 16.43 -3.22
CA GLY A 164 -33.42 17.67 -3.78
C GLY A 164 -32.76 18.92 -3.24
N ARG A 165 -32.57 18.98 -1.92
CA ARG A 165 -31.97 20.11 -1.28
C ARG A 165 -30.48 20.15 -1.67
N LEU A 166 -29.91 18.98 -1.73
CA LEU A 166 -28.48 18.89 -2.19
C LEU A 166 -28.32 19.40 -3.61
N ARG A 167 -29.19 18.99 -4.52
CA ARG A 167 -29.22 19.49 -5.88
C ARG A 167 -29.30 20.99 -5.96
N GLU A 168 -30.22 21.60 -5.21
CA GLU A 168 -30.26 23.04 -5.19
C GLU A 168 -28.96 23.67 -4.79
N ALA A 169 -28.30 23.12 -3.77
CA ALA A 169 -27.04 23.69 -3.30
C ALA A 169 -25.92 23.54 -4.39
N LEU A 170 -25.91 22.39 -5.01
CA LEU A 170 -24.97 22.07 -6.11
C LEU A 170 -24.98 23.05 -7.26
N LEU A 171 -26.21 23.44 -7.67
CA LEU A 171 -26.45 24.20 -8.85
C LEU A 171 -26.53 25.73 -8.57
N ASP A 172 -26.38 26.13 -7.34
CA ASP A 172 -26.52 27.58 -6.96
C ASP A 172 -25.20 28.33 -7.12
N GLU A 173 -25.15 29.04 -8.23
CA GLU A 173 -23.98 29.77 -8.64
C GLU A 173 -23.59 30.90 -7.68
N SER A 174 -24.47 31.25 -6.73
CA SER A 174 -24.12 32.27 -5.76
C SER A 174 -23.41 31.76 -4.52
N ARG A 175 -23.31 30.45 -4.34
CA ARG A 175 -22.67 29.85 -3.17
C ARG A 175 -21.20 29.64 -3.46
N PRO A 176 -20.36 29.65 -2.41
CA PRO A 176 -18.93 29.48 -2.59
C PRO A 176 -18.68 28.10 -3.13
N LEU A 177 -17.66 28.01 -3.93
CA LEU A 177 -17.34 26.74 -4.54
C LEU A 177 -17.19 25.57 -3.57
N PHE A 178 -16.58 25.80 -2.40
CA PHE A 178 -16.38 24.71 -1.45
C PHE A 178 -17.73 24.16 -0.97
N GLU A 179 -18.72 24.99 -0.70
CA GLU A 179 -20.02 24.52 -0.26
C GLU A 179 -20.73 23.68 -1.37
N ARG A 180 -20.54 24.09 -2.60
CA ARG A 180 -21.12 23.36 -3.76
C ARG A 180 -20.45 21.98 -3.89
N TYR A 181 -19.15 21.94 -3.67
CA TYR A 181 -18.42 20.70 -3.65
C TYR A 181 -18.89 19.78 -2.52
N ARG A 182 -19.15 20.34 -1.35
CA ARG A 182 -19.66 19.52 -0.30
C ARG A 182 -20.97 18.86 -0.73
N ALA A 183 -21.82 19.60 -1.40
CA ALA A 183 -23.09 19.02 -1.88
C ALA A 183 -22.83 17.91 -2.91
N MET A 184 -21.85 18.16 -3.77
CA MET A 184 -21.48 17.23 -4.86
C MET A 184 -21.08 15.89 -4.28
N PHE A 185 -20.25 15.89 -3.25
CA PHE A 185 -19.80 14.68 -2.63
C PHE A 185 -20.91 13.98 -1.86
N ALA A 186 -21.78 14.75 -1.21
CA ALA A 186 -22.94 14.16 -0.51
C ALA A 186 -23.91 13.52 -1.56
N LEU A 187 -24.04 14.10 -2.74
CA LEU A 187 -24.86 13.46 -3.84
C LEU A 187 -24.25 12.17 -4.28
N ARG A 188 -22.93 12.18 -4.53
CA ARG A 188 -22.26 10.94 -4.89
C ARG A 188 -22.50 9.86 -3.85
N ASN A 189 -22.38 10.19 -2.58
CA ASN A 189 -22.47 9.23 -1.55
C ASN A 189 -23.91 8.71 -1.41
N ALA A 190 -24.88 9.57 -1.63
CA ALA A 190 -26.31 9.14 -1.64
C ALA A 190 -26.56 8.06 -2.67
N GLY A 191 -25.98 8.28 -3.85
CA GLY A 191 -26.08 7.32 -4.93
C GLY A 191 -27.52 7.29 -5.46
N GLY A 192 -27.69 6.45 -6.45
CA GLY A 192 -28.97 6.32 -7.13
C GLY A 192 -29.25 7.28 -8.26
N GLU A 193 -30.30 6.96 -9.04
CA GLU A 193 -30.63 7.79 -10.15
C GLU A 193 -30.86 9.27 -9.94
N GLU A 194 -31.64 9.64 -8.92
CA GLU A 194 -32.03 10.99 -8.67
C GLU A 194 -30.71 11.82 -8.44
N ALA A 195 -29.82 11.24 -7.66
CA ALA A 195 -28.52 11.90 -7.35
C ALA A 195 -27.65 11.98 -8.61
N ALA A 196 -27.64 10.91 -9.43
CA ALA A 196 -26.87 10.89 -10.67
C ALA A 196 -27.36 11.99 -11.60
N LEU A 197 -28.70 12.15 -11.68
CA LEU A 197 -29.29 13.16 -12.56
C LEU A 197 -29.04 14.57 -12.03
N ALA A 198 -29.04 14.77 -10.69
CA ALA A 198 -28.74 16.05 -10.12
C ALA A 198 -27.27 16.46 -10.47
N LEU A 199 -26.38 15.51 -10.24
CA LEU A 199 -24.97 15.76 -10.59
C LEU A 199 -24.79 16.10 -12.04
N ALA A 200 -25.44 15.35 -12.94
CA ALA A 200 -25.29 15.54 -14.34
C ALA A 200 -25.73 16.95 -14.77
N GLU A 201 -26.63 17.61 -14.03
CA GLU A 201 -26.98 18.97 -14.32
C GLU A 201 -25.82 19.93 -14.06
N GLY A 202 -24.90 19.48 -13.20
CA GLY A 202 -23.69 20.26 -12.95
C GLY A 202 -22.75 20.40 -14.12
N LEU A 203 -22.90 19.58 -15.15
CA LEU A 203 -22.18 19.72 -16.40
C LEU A 203 -22.59 20.93 -17.25
N HIS A 204 -23.63 21.61 -16.79
CA HIS A 204 -24.13 22.82 -17.46
C HIS A 204 -23.94 24.08 -16.64
N CYS A 205 -23.09 24.00 -15.65
CA CYS A 205 -22.70 25.06 -14.71
C CYS A 205 -21.41 25.74 -14.95
N GLY A 206 -21.22 26.77 -14.17
CA GLY A 206 -20.27 27.75 -14.60
C GLY A 206 -18.79 27.45 -14.59
N SER A 207 -18.20 26.91 -13.51
CA SER A 207 -16.77 26.85 -13.64
C SER A 207 -16.26 25.58 -14.24
N ALA A 208 -15.18 25.66 -15.02
CA ALA A 208 -14.60 24.50 -15.63
C ALA A 208 -14.16 23.52 -14.60
N LEU A 209 -13.46 24.01 -13.58
CA LEU A 209 -13.03 23.12 -12.51
C LEU A 209 -14.18 22.34 -11.86
N PHE A 210 -15.29 23.08 -11.60
CA PHE A 210 -16.48 22.50 -11.07
C PHE A 210 -17.01 21.36 -12.00
N ARG A 211 -17.12 21.66 -13.27
CA ARG A 211 -17.70 20.68 -14.22
C ARG A 211 -16.81 19.43 -14.33
N HIS A 212 -15.49 19.61 -14.24
CA HIS A 212 -14.62 18.41 -14.24
C HIS A 212 -14.80 17.60 -13.00
N GLU A 213 -15.01 18.23 -11.85
CA GLU A 213 -15.25 17.48 -10.59
C GLU A 213 -16.55 16.67 -10.67
N VAL A 214 -17.55 17.27 -11.30
CA VAL A 214 -18.82 16.55 -11.52
C VAL A 214 -18.53 15.30 -12.37
N GLY A 215 -17.77 15.45 -13.44
CA GLY A 215 -17.37 14.31 -14.24
C GLY A 215 -16.71 13.22 -13.44
N TYR A 216 -15.74 13.63 -12.64
CA TYR A 216 -15.00 12.68 -11.78
C TYR A 216 -15.96 11.91 -10.86
N VAL A 217 -16.84 12.59 -10.12
CA VAL A 217 -17.69 11.92 -9.13
C VAL A 217 -18.76 11.10 -9.89
N LEU A 218 -19.16 11.54 -11.07
CA LEU A 218 -20.06 10.61 -11.92
C LEU A 218 -19.35 9.31 -12.39
N GLY A 219 -18.04 9.38 -12.62
CA GLY A 219 -17.26 8.19 -12.94
C GLY A 219 -17.06 7.31 -11.72
N GLN A 220 -16.92 7.92 -10.54
CA GLN A 220 -16.87 7.14 -9.30
C GLN A 220 -18.23 6.41 -9.07
N LEU A 221 -19.30 7.14 -9.22
CA LEU A 221 -20.65 6.60 -8.91
C LEU A 221 -21.06 5.47 -9.87
N GLN A 222 -20.67 5.59 -11.14
CA GLN A 222 -20.85 4.58 -12.17
C GLN A 222 -22.34 4.32 -12.44
N HIS A 223 -23.18 5.30 -12.26
CA HIS A 223 -24.61 5.18 -12.61
C HIS A 223 -24.83 5.53 -14.08
N GLU A 224 -25.56 4.67 -14.82
CA GLU A 224 -25.77 4.89 -16.23
C GLU A 224 -26.65 6.05 -16.61
N ALA A 225 -27.37 6.59 -15.65
CA ALA A 225 -28.25 7.72 -15.91
C ALA A 225 -27.49 8.97 -16.37
N ALA A 226 -26.21 9.02 -15.99
CA ALA A 226 -25.37 10.13 -16.39
C ALA A 226 -24.86 10.05 -17.79
N VAL A 227 -25.02 8.91 -18.50
CA VAL A 227 -24.36 8.75 -19.78
C VAL A 227 -24.67 9.82 -20.80
N PRO A 228 -25.98 10.18 -20.98
CA PRO A 228 -26.19 11.11 -22.10
C PRO A 228 -25.52 12.49 -21.89
N GLN A 229 -25.52 12.98 -20.66
CA GLN A 229 -24.90 14.28 -20.32
C GLN A 229 -23.38 14.19 -20.37
N LEU A 230 -22.87 13.05 -19.94
CA LEU A 230 -21.39 12.86 -20.02
C LEU A 230 -20.94 12.85 -21.48
N ALA A 231 -21.67 12.10 -22.32
CA ALA A 231 -21.31 12.00 -23.69
C ALA A 231 -21.45 13.37 -24.40
N ALA A 232 -22.51 14.12 -24.03
CA ALA A 232 -22.74 15.42 -24.60
C ALA A 232 -21.61 16.41 -24.27
N ALA A 233 -21.10 16.33 -23.04
CA ALA A 233 -19.99 17.18 -22.59
C ALA A 233 -18.73 16.80 -23.31
N LEU A 234 -18.45 15.49 -23.43
CA LEU A 234 -17.31 15.05 -24.15
C LEU A 234 -17.31 15.56 -25.62
N ALA A 235 -18.52 15.64 -26.17
CA ALA A 235 -18.70 16.02 -27.58
C ALA A 235 -18.57 17.49 -27.82
N ARG A 236 -18.49 18.29 -26.79
CA ARG A 236 -18.36 19.76 -26.94
C ARG A 236 -16.99 20.13 -27.36
N CYS A 237 -16.85 20.62 -28.59
CA CYS A 237 -15.53 20.92 -29.02
CA CYS A 237 -15.53 20.95 -29.09
C CYS A 237 -14.95 22.21 -28.45
N THR A 238 -15.79 23.05 -27.85
CA THR A 238 -15.37 24.27 -27.13
C THR A 238 -15.16 24.10 -25.60
N GLU A 239 -15.47 22.90 -25.06
CA GLU A 239 -15.35 22.69 -23.67
C GLU A 239 -13.88 22.57 -23.30
N ASN A 240 -13.57 22.96 -22.07
CA ASN A 240 -12.22 22.88 -21.53
C ASN A 240 -11.76 21.41 -21.64
N PRO A 241 -10.55 21.16 -22.15
CA PRO A 241 -10.11 19.78 -22.32
C PRO A 241 -10.14 19.02 -21.03
N MET A 242 -9.93 19.69 -19.88
CA MET A 242 -9.98 19.01 -18.60
CA MET A 242 -9.98 19.01 -18.60
CA MET A 242 -9.98 19.03 -18.59
C MET A 242 -11.36 18.41 -18.31
N VAL A 243 -12.40 19.12 -18.66
CA VAL A 243 -13.72 18.62 -18.48
C VAL A 243 -14.01 17.45 -19.42
N ARG A 244 -13.60 17.57 -20.67
CA ARG A 244 -13.86 16.52 -21.69
C ARG A 244 -13.16 15.22 -21.28
N HIS A 245 -11.93 15.38 -20.77
CA HIS A 245 -11.14 14.21 -20.31
C HIS A 245 -11.82 13.51 -19.18
N GLU A 246 -12.36 14.23 -18.19
CA GLU A 246 -12.93 13.63 -17.05
C GLU A 246 -14.22 12.93 -17.45
N CYS A 247 -14.96 13.52 -18.38
CA CYS A 247 -16.20 12.86 -18.81
C CYS A 247 -15.90 11.57 -19.62
N ALA A 248 -14.85 11.56 -20.45
CA ALA A 248 -14.41 10.36 -21.15
C ALA A 248 -14.09 9.26 -20.13
N GLU A 249 -13.28 9.60 -19.14
CA GLU A 249 -12.91 8.60 -18.12
C GLU A 249 -14.13 8.07 -17.36
N ALA A 250 -15.11 8.94 -17.03
CA ALA A 250 -16.32 8.47 -16.43
C ALA A 250 -17.14 7.51 -17.30
N LEU A 251 -17.24 7.81 -18.58
CA LEU A 251 -17.86 6.90 -19.53
C LEU A 251 -17.18 5.51 -19.50
N GLY A 252 -15.89 5.52 -19.42
CA GLY A 252 -15.06 4.25 -19.41
C GLY A 252 -15.41 3.43 -18.17
N ALA A 253 -15.49 4.13 -17.05
CA ALA A 253 -15.95 3.49 -15.75
C ALA A 253 -17.36 2.93 -15.75
N ILE A 254 -18.28 3.61 -16.42
CA ILE A 254 -19.66 3.14 -16.50
C ILE A 254 -19.87 1.96 -17.46
N ALA A 255 -19.23 2.02 -18.63
CA ALA A 255 -19.08 0.84 -19.51
C ALA A 255 -20.40 0.19 -19.96
N ARG A 256 -21.31 1.01 -20.44
CA ARG A 256 -22.55 0.53 -21.06
C ARG A 256 -22.50 0.86 -22.56
N PRO A 257 -23.35 0.21 -23.36
CA PRO A 257 -23.30 0.39 -24.80
C PRO A 257 -23.33 1.83 -25.26
N ALA A 258 -24.17 2.64 -24.66
CA ALA A 258 -24.20 4.02 -25.05
C ALA A 258 -22.82 4.69 -24.76
N CYS A 259 -21.98 4.11 -23.92
CA CYS A 259 -20.64 4.77 -23.64
C CYS A 259 -19.64 4.54 -24.74
N LEU A 260 -19.86 3.44 -25.47
CA LEU A 260 -18.89 2.99 -26.45
C LEU A 260 -18.83 3.90 -27.63
N ALA A 261 -19.99 4.24 -28.19
CA ALA A 261 -20.04 5.14 -29.34
C ALA A 261 -19.33 6.45 -29.07
N ALA A 262 -19.58 7.05 -27.91
CA ALA A 262 -18.98 8.35 -27.58
C ALA A 262 -17.45 8.26 -27.50
N LEU A 263 -16.96 7.24 -26.86
CA LEU A 263 -15.54 7.10 -26.62
C LEU A 263 -14.86 6.80 -27.96
N GLN A 264 -15.44 5.90 -28.72
CA GLN A 264 -14.88 5.66 -30.07
C GLN A 264 -14.82 6.86 -30.97
N ALA A 265 -15.84 7.71 -30.95
CA ALA A 265 -15.96 8.92 -31.78
C ALA A 265 -14.92 9.98 -31.50
N HIS A 266 -14.35 9.95 -30.30
CA HIS A 266 -13.36 10.95 -29.97
C HIS A 266 -11.96 10.39 -29.77
N ALA A 267 -11.80 9.10 -30.02
CA ALA A 267 -10.49 8.51 -30.04
C ALA A 267 -9.48 9.18 -30.96
N ASP A 268 -9.96 9.92 -31.97
CA ASP A 268 -9.07 10.69 -32.85
C ASP A 268 -9.24 12.21 -32.72
N ASP A 269 -9.70 12.67 -31.58
CA ASP A 269 -9.88 14.09 -31.41
C ASP A 269 -8.57 14.84 -31.57
N PRO A 270 -8.60 16.10 -31.99
CA PRO A 270 -7.37 16.91 -32.08
C PRO A 270 -6.72 17.22 -30.75
N GLU A 271 -7.49 17.17 -29.67
CA GLU A 271 -6.95 17.48 -28.36
C GLU A 271 -6.29 16.19 -27.78
N ARG A 272 -4.97 16.23 -27.52
CA ARG A 272 -4.26 15.06 -27.07
C ARG A 272 -4.82 14.51 -25.79
N VAL A 273 -5.15 15.37 -24.84
CA VAL A 273 -5.65 14.86 -23.56
C VAL A 273 -6.97 14.12 -23.73
N VAL A 274 -7.77 14.53 -24.72
CA VAL A 274 -9.04 13.86 -25.02
C VAL A 274 -8.82 12.51 -25.68
N ARG A 275 -7.97 12.45 -26.70
CA ARG A 275 -7.58 11.17 -27.31
C ARG A 275 -7.08 10.17 -26.33
N GLU A 276 -6.18 10.62 -25.47
CA GLU A 276 -5.58 9.72 -24.57
C GLU A 276 -6.55 9.24 -23.48
N SER A 277 -7.45 10.11 -23.00
CA SER A 277 -8.45 9.69 -22.09
C SER A 277 -9.39 8.63 -22.73
N CYS A 278 -9.75 8.85 -24.01
CA CYS A 278 -10.58 7.85 -24.71
C CYS A 278 -9.84 6.51 -24.83
N GLU A 279 -8.54 6.52 -25.10
CA GLU A 279 -7.66 5.34 -25.26
C GLU A 279 -7.74 4.54 -23.96
N VAL A 280 -7.54 5.23 -22.85
CA VAL A 280 -7.62 4.51 -21.51
C VAL A 280 -9.04 4.14 -21.13
N ALA A 281 -10.00 4.95 -21.47
CA ALA A 281 -11.42 4.66 -21.17
C ALA A 281 -11.94 3.45 -21.98
N LEU A 282 -11.40 3.30 -23.19
CA LEU A 282 -11.79 2.19 -24.09
C LEU A 282 -11.18 0.92 -23.63
N ASP A 283 -9.94 0.94 -23.23
CA ASP A 283 -9.50 -0.18 -22.44
C ASP A 283 -10.38 -0.55 -21.20
N MET A 284 -10.79 0.43 -20.41
CA MET A 284 -11.63 0.07 -19.26
C MET A 284 -12.97 -0.56 -19.72
N TYR A 285 -13.53 -0.02 -20.80
CA TYR A 285 -14.79 -0.53 -21.39
C TYR A 285 -14.54 -1.99 -21.74
N GLU A 286 -13.31 -2.28 -22.15
CA GLU A 286 -12.90 -3.66 -22.47
C GLU A 286 -12.99 -4.56 -21.26
N HIS A 287 -12.33 -4.19 -20.17
CA HIS A 287 -12.22 -5.08 -18.99
C HIS A 287 -13.47 -5.14 -18.11
N GLU A 288 -14.44 -4.23 -18.32
CA GLU A 288 -15.72 -4.27 -17.61
C GLU A 288 -16.72 -5.24 -18.28
N GLY B 1 -7.80 10.40 -11.41
CA GLY B 1 -9.12 10.07 -12.10
C GLY B 1 -9.91 8.97 -11.51
N PRO B 2 -11.11 8.72 -12.02
CA PRO B 2 -11.93 7.61 -11.57
C PRO B 2 -11.53 6.17 -12.04
N LEU B 3 -10.56 6.00 -12.91
CA LEU B 3 -10.20 4.69 -13.44
C LEU B 3 -9.08 4.04 -12.59
N GLY B 4 -8.35 4.83 -11.84
CA GLY B 4 -7.17 4.28 -11.06
C GLY B 4 -7.67 3.13 -10.19
N SER B 5 -8.76 3.37 -9.53
CA SER B 5 -9.34 2.35 -8.66
C SER B 5 -9.73 1.07 -9.40
N MET B 6 -10.25 0.90 -10.60
CA MET B 6 -10.55 -0.17 -11.51
C MET B 6 -9.24 -0.81 -11.99
N VAL B 7 -8.27 0.01 -12.36
CA VAL B 7 -7.03 -0.47 -12.82
C VAL B 7 -6.31 -1.23 -11.68
N THR B 8 -6.32 -0.65 -10.48
CA THR B 8 -5.70 -1.31 -9.33
C THR B 8 -6.36 -2.67 -9.03
N GLU B 9 -7.68 -2.77 -9.15
CA GLU B 9 -8.37 -4.07 -8.90
C GLU B 9 -7.95 -5.10 -9.95
N GLN B 10 -7.81 -4.64 -11.21
CA GLN B 10 -7.35 -5.49 -12.29
C GLN B 10 -5.95 -6.00 -12.00
N GLU B 11 -5.07 -5.13 -11.49
CA GLU B 11 -3.66 -5.49 -11.26
C GLU B 11 -3.64 -6.48 -10.04
N VAL B 12 -4.45 -6.24 -9.01
CA VAL B 12 -4.56 -7.22 -7.92
C VAL B 12 -4.94 -8.59 -8.40
N ASP B 13 -5.96 -8.68 -9.24
CA ASP B 13 -6.36 -9.94 -9.77
C ASP B 13 -5.32 -10.64 -10.63
N ALA B 14 -4.57 -9.89 -11.43
CA ALA B 14 -3.51 -10.50 -12.24
C ALA B 14 -2.41 -11.13 -11.40
N ILE B 15 -2.07 -10.38 -10.40
CA ILE B 15 -0.95 -10.70 -9.45
C ILE B 15 -1.40 -11.87 -8.60
N GLY B 16 -2.61 -11.80 -8.07
CA GLY B 16 -3.26 -12.94 -7.32
C GLY B 16 -3.24 -14.24 -8.12
N GLN B 17 -3.54 -14.16 -9.42
CA GLN B 17 -3.57 -15.38 -10.25
C GLN B 17 -2.21 -15.99 -10.34
N THR B 18 -1.19 -15.18 -10.37
CA THR B 18 0.19 -15.70 -10.33
C THR B 18 0.45 -16.40 -8.97
N LEU B 19 0.14 -15.70 -7.89
CA LEU B 19 0.41 -16.31 -6.55
C LEU B 19 -0.21 -17.67 -6.36
N VAL B 20 -1.45 -17.87 -6.78
CA VAL B 20 -2.21 -19.08 -6.49
C VAL B 20 -1.91 -20.22 -7.47
N ASP B 21 -1.07 -19.98 -8.45
CA ASP B 21 -0.77 -20.96 -9.54
C ASP B 21 0.43 -21.85 -9.13
N PRO B 22 0.17 -23.10 -8.75
CA PRO B 22 1.28 -24.00 -8.31
C PRO B 22 2.29 -24.27 -9.42
N LYS B 23 1.96 -23.92 -10.66
CA LYS B 23 2.88 -24.10 -11.80
C LYS B 23 3.75 -22.90 -12.07
N GLN B 24 3.62 -21.84 -11.30
CA GLN B 24 4.56 -20.74 -11.42
C GLN B 24 5.75 -21.02 -10.53
N PRO B 25 6.92 -20.46 -10.89
CA PRO B 25 8.07 -20.73 -10.03
C PRO B 25 7.92 -20.01 -8.71
N LEU B 26 8.50 -20.62 -7.66
CA LEU B 26 8.40 -20.02 -6.33
C LEU B 26 8.81 -18.60 -6.25
N GLN B 27 9.91 -18.20 -6.89
CA GLN B 27 10.35 -16.85 -6.73
C GLN B 27 9.34 -15.85 -7.33
N ALA B 28 8.70 -16.23 -8.41
CA ALA B 28 7.67 -15.38 -9.03
C ALA B 28 6.43 -15.29 -8.10
N ARG B 29 6.11 -16.41 -7.46
CA ARG B 29 4.99 -16.39 -6.50
C ARG B 29 5.28 -15.50 -5.31
N PHE B 30 6.50 -15.55 -4.78
CA PHE B 30 6.87 -14.60 -3.73
C PHE B 30 6.83 -13.14 -4.14
N ARG B 31 7.26 -12.83 -5.37
CA ARG B 31 7.18 -11.45 -5.80
C ARG B 31 5.71 -10.98 -5.87
N ALA B 32 4.83 -11.88 -6.26
CA ALA B 32 3.40 -11.58 -6.37
C ALA B 32 2.90 -11.29 -4.94
N LEU B 33 3.22 -12.20 -4.03
CA LEU B 33 2.78 -12.05 -2.64
C LEU B 33 3.21 -10.74 -2.02
N PHE B 34 4.47 -10.35 -2.16
CA PHE B 34 4.97 -9.14 -1.54
CA PHE B 34 4.92 -9.12 -1.52
C PHE B 34 4.31 -7.89 -2.18
N THR B 35 3.99 -8.00 -3.44
CA THR B 35 3.25 -6.91 -4.13
C THR B 35 1.84 -6.76 -3.57
N LEU B 36 1.12 -7.87 -3.44
CA LEU B 36 -0.20 -7.86 -2.79
C LEU B 36 -0.17 -7.35 -1.38
N ARG B 37 0.85 -7.69 -0.63
CA ARG B 37 1.01 -7.22 0.75
C ARG B 37 1.05 -5.70 0.78
N GLY B 38 1.76 -5.14 -0.18
CA GLY B 38 1.90 -3.70 -0.26
C GLY B 38 0.60 -3.01 -0.77
N LEU B 39 -0.04 -3.62 -1.75
CA LEU B 39 -1.28 -3.06 -2.26
C LEU B 39 -2.43 -3.04 -1.28
N GLY B 40 -2.66 -4.18 -0.63
CA GLY B 40 -3.71 -4.28 0.35
C GLY B 40 -5.10 -4.27 -0.21
N GLY B 41 -6.01 -4.29 0.74
CA GLY B 41 -7.47 -4.34 0.41
C GLY B 41 -8.02 -5.71 0.42
N PRO B 42 -9.35 -5.80 0.22
CA PRO B 42 -10.00 -7.07 0.39
C PRO B 42 -9.76 -8.07 -0.73
N GLY B 43 -9.54 -7.60 -1.95
CA GLY B 43 -9.12 -8.49 -3.03
C GLY B 43 -7.80 -9.14 -2.75
N ALA B 44 -6.84 -8.31 -2.31
CA ALA B 44 -5.49 -8.83 -1.99
C ALA B 44 -5.57 -9.88 -0.88
N ILE B 45 -6.29 -9.60 0.18
CA ILE B 45 -6.47 -10.55 1.25
C ILE B 45 -7.08 -11.87 0.78
N ALA B 46 -8.09 -11.77 -0.10
CA ALA B 46 -8.69 -12.96 -0.65
C ALA B 46 -7.74 -13.84 -1.50
N TRP B 47 -6.93 -13.22 -2.32
CA TRP B 47 -5.95 -13.97 -3.11
C TRP B 47 -4.90 -14.62 -2.22
N ILE B 48 -4.40 -13.85 -1.25
CA ILE B 48 -3.36 -14.38 -0.37
C ILE B 48 -3.95 -15.59 0.34
N SER B 49 -5.16 -15.41 0.85
CA SER B 49 -5.83 -16.47 1.62
C SER B 49 -6.02 -17.78 0.84
N GLN B 50 -6.25 -17.64 -0.47
CA GLN B 50 -6.46 -18.79 -1.40
C GLN B 50 -5.23 -19.67 -1.47
N ALA B 51 -4.03 -19.10 -1.23
CA ALA B 51 -2.78 -19.89 -1.36
C ALA B 51 -2.42 -20.74 -0.14
N PHE B 52 -3.21 -20.73 0.93
CA PHE B 52 -2.96 -21.50 2.12
C PHE B 52 -3.04 -23.07 2.01
N ASP B 53 -3.48 -23.56 0.88
CA ASP B 53 -3.51 -25.02 0.61
C ASP B 53 -2.24 -25.43 -0.18
N ASP B 54 -1.28 -24.54 -0.39
CA ASP B 54 -0.12 -24.92 -1.17
C ASP B 54 0.72 -25.91 -0.41
N ASP B 55 1.48 -26.75 -1.14
CA ASP B 55 2.37 -27.68 -0.45
C ASP B 55 3.59 -27.03 0.25
N SER B 56 3.99 -25.83 -0.14
CA SER B 56 5.21 -25.18 0.41
C SER B 56 4.89 -24.56 1.75
N ALA B 57 5.40 -25.16 2.82
CA ALA B 57 5.30 -24.50 4.16
C ALA B 57 5.97 -23.10 4.18
N LEU B 58 7.08 -22.92 3.43
CA LEU B 58 7.72 -21.60 3.33
C LEU B 58 6.71 -20.57 2.77
N LEU B 59 6.12 -20.90 1.65
CA LEU B 59 5.18 -19.96 1.03
C LEU B 59 3.98 -19.72 1.96
N LYS B 60 3.43 -20.78 2.55
CA LYS B 60 2.25 -20.62 3.40
C LYS B 60 2.54 -19.74 4.62
N HIS B 61 3.70 -19.92 5.21
CA HIS B 61 4.00 -19.10 6.37
C HIS B 61 4.21 -17.63 5.97
N GLU B 62 4.74 -17.37 4.77
CA GLU B 62 4.91 -16.00 4.31
C GLU B 62 3.51 -15.34 4.06
N LEU B 63 2.53 -16.15 3.63
CA LEU B 63 1.22 -15.63 3.47
C LEU B 63 0.74 -15.06 4.80
N ALA B 64 0.91 -15.87 5.84
CA ALA B 64 0.46 -15.40 7.16
C ALA B 64 1.21 -14.19 7.62
N TYR B 65 2.53 -14.24 7.50
CA TYR B 65 3.38 -13.08 7.84
C TYR B 65 2.86 -11.82 7.17
N CYS B 66 2.57 -11.90 5.86
CA CYS B 66 2.12 -10.73 5.16
C CYS B 66 0.77 -10.24 5.69
N LEU B 67 -0.16 -11.16 5.94
CA LEU B 67 -1.45 -10.78 6.47
C LEU B 67 -1.31 -10.07 7.82
N GLY B 68 -0.37 -10.48 8.65
CA GLY B 68 -0.12 -9.76 9.87
C GLY B 68 0.37 -8.36 9.67
N GLN B 69 1.35 -8.23 8.78
CA GLN B 69 1.98 -6.93 8.49
C GLN B 69 0.99 -5.95 7.91
N MET B 70 -0.01 -6.46 7.19
CA MET B 70 -1.03 -5.61 6.56
C MET B 70 -1.97 -4.95 7.58
N GLN B 71 -2.04 -5.54 8.75
CA GLN B 71 -2.82 -4.99 9.89
C GLN B 71 -4.26 -4.74 9.57
N ASP B 72 -4.86 -5.64 8.77
CA ASP B 72 -6.26 -5.47 8.34
C ASP B 72 -7.09 -6.57 8.92
N ALA B 73 -8.08 -6.17 9.73
CA ALA B 73 -8.88 -7.14 10.46
C ALA B 73 -9.65 -8.07 9.60
N ARG B 74 -9.84 -7.75 8.36
CA ARG B 74 -10.49 -8.65 7.41
C ARG B 74 -9.75 -10.02 7.24
N ALA B 75 -8.47 -10.06 7.59
CA ALA B 75 -7.72 -11.29 7.54
C ALA B 75 -7.93 -12.23 8.70
N ILE B 76 -8.57 -11.74 9.76
CA ILE B 76 -8.63 -12.52 11.01
C ILE B 76 -9.26 -13.87 10.83
N PRO B 77 -10.39 -13.96 10.15
CA PRO B 77 -10.97 -15.30 10.04
C PRO B 77 -10.06 -16.36 9.44
N MET B 78 -9.37 -16.04 8.37
CA MET B 78 -8.48 -17.02 7.76
C MET B 78 -7.33 -17.33 8.67
N LEU B 79 -6.78 -16.30 9.32
CA LEU B 79 -5.67 -16.54 10.22
C LEU B 79 -6.07 -17.50 11.39
N VAL B 80 -7.26 -17.28 11.91
CA VAL B 80 -7.80 -18.16 12.93
C VAL B 80 -7.91 -19.60 12.39
N ASP B 81 -8.47 -19.82 11.22
CA ASP B 81 -8.56 -21.15 10.59
C ASP B 81 -7.23 -21.82 10.41
N VAL B 82 -6.19 -21.07 10.01
CA VAL B 82 -4.86 -21.60 9.94
C VAL B 82 -4.27 -21.97 11.30
N LEU B 83 -4.40 -21.10 12.28
CA LEU B 83 -3.90 -21.37 13.61
C LEU B 83 -4.52 -22.65 14.18
N GLN B 84 -5.80 -22.80 13.95
CA GLN B 84 -6.52 -23.97 14.50
C GLN B 84 -6.35 -25.23 13.72
N ASP B 85 -5.79 -25.19 12.54
CA ASP B 85 -5.66 -26.36 11.68
C ASP B 85 -4.43 -27.17 12.10
N THR B 86 -4.64 -28.28 12.83
CA THR B 86 -3.50 -29.06 13.27
C THR B 86 -2.76 -29.81 12.19
N ARG B 87 -3.27 -29.89 10.98
CA ARG B 87 -2.51 -30.41 9.83
C ARG B 87 -1.47 -29.43 9.26
N GLN B 88 -1.61 -28.15 9.59
CA GLN B 88 -0.60 -27.17 9.11
C GLN B 88 0.68 -27.38 9.89
N GLU B 89 1.80 -27.14 9.25
CA GLU B 89 3.08 -27.28 9.93
C GLU B 89 3.20 -26.30 11.10
N PRO B 90 3.92 -26.67 12.15
CA PRO B 90 4.15 -25.73 13.24
C PRO B 90 4.53 -24.31 12.80
N MET B 91 5.43 -24.18 11.84
CA MET B 91 5.90 -22.90 11.38
CA MET B 91 5.89 -22.87 11.42
C MET B 91 4.75 -22.04 10.84
N VAL B 92 3.80 -22.69 10.13
CA VAL B 92 2.68 -21.97 9.51
C VAL B 92 1.68 -21.54 10.58
N ARG B 93 1.36 -22.47 11.49
CA ARG B 93 0.49 -22.14 12.61
C ARG B 93 1.04 -21.02 13.50
N HIS B 94 2.33 -21.09 13.74
CA HIS B 94 3.01 -20.01 14.50
C HIS B 94 2.85 -18.68 13.79
N GLU B 95 3.07 -18.65 12.48
CA GLU B 95 3.08 -17.40 11.80
C GLU B 95 1.68 -16.78 11.81
N ALA B 96 0.67 -17.67 11.75
CA ALA B 96 -0.73 -17.19 11.78
C ALA B 96 -1.01 -16.60 13.18
N GLY B 97 -0.58 -17.24 14.24
CA GLY B 97 -0.82 -16.71 15.62
C GLY B 97 -0.12 -15.38 15.79
N GLU B 98 1.13 -15.34 15.30
CA GLU B 98 1.89 -14.07 15.41
C GLU B 98 1.16 -12.95 14.64
N ALA B 99 0.60 -13.29 13.46
CA ALA B 99 -0.07 -12.32 12.61
C ALA B 99 -1.33 -11.77 13.31
N LEU B 100 -2.03 -12.64 14.02
CA LEU B 100 -3.16 -12.23 14.85
C LEU B 100 -2.72 -11.18 15.86
N GLY B 101 -1.59 -11.39 16.53
CA GLY B 101 -1.02 -10.32 17.40
C GLY B 101 -0.68 -9.03 16.64
N ALA B 102 -0.09 -9.20 15.43
CA ALA B 102 0.32 -8.05 14.66
C ALA B 102 -0.80 -7.13 14.27
N ILE B 103 -1.93 -7.69 13.88
CA ILE B 103 -3.05 -6.91 13.44
C ILE B 103 -3.53 -6.01 14.63
N GLY B 104 -3.36 -6.51 15.84
CA GLY B 104 -3.53 -5.64 17.04
C GLY B 104 -4.97 -5.46 17.43
N ASP B 105 -5.88 -6.28 16.88
CA ASP B 105 -7.29 -6.21 17.22
C ASP B 105 -7.59 -7.16 18.34
N PRO B 106 -8.02 -6.60 19.50
CA PRO B 106 -8.19 -7.48 20.64
C PRO B 106 -9.41 -8.44 20.62
N GLU B 107 -10.26 -8.42 19.59
CA GLU B 107 -11.23 -9.50 19.33
C GLU B 107 -10.63 -10.93 19.34
N VAL B 108 -9.34 -11.04 19.01
CA VAL B 108 -8.64 -12.31 18.98
C VAL B 108 -8.02 -12.75 20.31
N LEU B 109 -8.19 -11.98 21.37
CA LEU B 109 -7.52 -12.30 22.63
C LEU B 109 -7.88 -13.67 23.21
N GLU B 110 -9.16 -14.01 23.17
CA GLU B 110 -9.56 -15.31 23.78
C GLU B 110 -9.02 -16.49 23.04
N ILE B 111 -8.99 -16.43 21.71
CA ILE B 111 -8.42 -17.52 20.91
C ILE B 111 -6.93 -17.59 21.22
N LEU B 112 -6.27 -16.42 21.31
CA LEU B 112 -4.84 -16.46 21.59
C LEU B 112 -4.47 -17.02 23.00
N LYS B 113 -5.30 -16.68 24.01
CA LYS B 113 -5.16 -17.32 25.32
C LYS B 113 -5.40 -18.82 25.28
N GLN B 114 -6.39 -19.28 24.51
CA GLN B 114 -6.66 -20.69 24.35
C GLN B 114 -5.45 -21.46 23.80
N TYR B 115 -4.87 -20.94 22.72
CA TYR B 115 -3.76 -21.60 22.06
C TYR B 115 -2.41 -21.32 22.72
N SER B 116 -2.42 -20.52 23.75
CA SER B 116 -1.24 -20.37 24.60
C SER B 116 -0.84 -21.67 25.29
N SER B 117 -1.78 -22.63 25.38
CA SER B 117 -1.43 -23.97 25.89
C SER B 117 -1.47 -25.05 24.84
N ASP B 118 -1.30 -24.71 23.56
CA ASP B 118 -1.24 -25.69 22.58
C ASP B 118 -0.08 -26.66 22.79
N PRO B 119 -0.28 -27.93 22.45
CA PRO B 119 0.83 -28.90 22.61
C PRO B 119 2.04 -28.73 21.66
N VAL B 120 1.91 -27.88 20.64
CA VAL B 120 3.05 -27.56 19.74
C VAL B 120 3.67 -26.34 20.35
N ILE B 121 4.89 -26.52 20.90
CA ILE B 121 5.55 -25.50 21.70
C ILE B 121 5.73 -24.17 20.93
N GLU B 122 6.00 -24.26 19.62
CA GLU B 122 6.15 -23.02 18.84
C GLU B 122 4.89 -22.22 18.79
N VAL B 123 3.77 -22.94 18.71
CA VAL B 123 2.47 -22.34 18.73
C VAL B 123 2.09 -21.74 20.09
N ALA B 124 2.27 -22.52 21.15
CA ALA B 124 2.04 -22.02 22.48
C ALA B 124 2.82 -20.79 22.82
N GLU B 125 4.12 -20.79 22.51
CA GLU B 125 4.93 -19.60 22.78
C GLU B 125 4.54 -18.37 21.95
N THR B 126 4.21 -18.57 20.65
CA THR B 126 3.74 -17.53 19.79
C THR B 126 2.56 -16.84 20.40
N CYS B 127 1.60 -17.68 20.83
CA CYS B 127 0.33 -17.15 21.31
C CYS B 127 0.49 -16.45 22.66
N GLN B 128 1.37 -16.96 23.48
CA GLN B 128 1.77 -16.23 24.72
C GLN B 128 2.32 -14.83 24.48
N LEU B 129 3.23 -14.73 23.50
CA LEU B 129 3.76 -13.45 23.15
C LEU B 129 2.75 -12.49 22.57
N ALA B 130 1.83 -13.04 21.73
CA ALA B 130 0.83 -12.27 21.12
C ALA B 130 -0.15 -11.64 22.15
N VAL B 131 -0.48 -12.42 23.10
CA VAL B 131 -1.36 -11.96 24.21
C VAL B 131 -0.64 -10.81 24.94
N ARG B 132 0.63 -11.01 25.28
CA ARG B 132 1.37 -9.86 25.86
C ARG B 132 1.45 -8.60 24.99
N ARG B 133 1.69 -8.73 23.67
CA ARG B 133 1.67 -7.61 22.76
C ARG B 133 0.32 -6.87 22.74
N LEU B 134 -0.78 -7.64 22.67
CA LEU B 134 -2.08 -6.98 22.74
C LEU B 134 -2.36 -6.23 24.10
N GLU B 135 -1.92 -6.82 25.16
CA GLU B 135 -2.02 -6.16 26.49
C GLU B 135 -1.22 -4.84 26.51
N TRP B 136 -0.07 -4.81 25.86
CA TRP B 136 0.73 -3.62 25.74
C TRP B 136 0.11 -2.52 24.97
N LEU B 137 -0.46 -2.87 23.83
CA LEU B 137 -1.12 -1.97 23.00
C LEU B 137 -2.25 -1.31 23.79
N GLN B 138 -2.95 -2.11 24.59
CA GLN B 138 -4.18 -1.59 25.29
C GLN B 138 -3.73 -0.47 26.29
N GLN B 139 -2.59 -0.70 26.91
CA GLN B 139 -2.02 0.23 27.90
C GLN B 139 -1.44 1.46 27.33
N HIS B 140 -0.93 1.38 26.13
CA HIS B 140 -0.25 2.50 25.52
C HIS B 140 -1.15 3.33 24.57
N GLY B 141 -2.33 2.81 24.26
CA GLY B 141 -3.29 3.51 23.46
C GLY B 141 -3.06 3.27 22.00
N GLY B 142 -2.30 2.22 21.69
CA GLY B 142 -1.95 1.92 20.28
C GLY B 142 -0.50 1.49 20.11
N GLU B 143 -0.06 1.48 18.85
CA GLU B 143 1.29 0.99 18.47
C GLU B 143 2.39 1.89 19.02
N PRO B 144 3.60 1.31 19.24
CA PRO B 144 4.73 2.15 19.66
C PRO B 144 5.04 3.22 18.62
N ALA B 145 5.74 4.27 19.03
CA ALA B 145 6.23 5.32 18.12
C ALA B 145 7.01 4.63 17.00
N ALA B 146 6.87 5.11 15.77
CA ALA B 146 7.56 4.47 14.66
C ALA B 146 9.06 4.40 14.97
N GLY B 147 9.63 3.21 14.81
CA GLY B 147 11.04 2.98 15.06
C GLY B 147 11.79 3.02 13.75
N PRO B 148 13.05 2.58 13.78
CA PRO B 148 13.87 2.53 12.56
C PRO B 148 13.48 1.48 11.50
N TYR B 149 12.57 0.52 11.82
CA TYR B 149 12.25 -0.60 10.90
C TYR B 149 10.77 -0.47 10.66
N LEU B 150 10.37 -0.82 9.46
CA LEU B 150 8.97 -0.56 9.03
C LEU B 150 8.05 -1.75 9.46
N SER B 151 8.63 -2.83 9.96
CA SER B 151 7.88 -4.01 10.30
C SER B 151 7.05 -3.85 11.53
N VAL B 152 5.99 -4.62 11.63
CA VAL B 152 5.19 -4.71 12.82
C VAL B 152 5.75 -5.88 13.59
N ASP B 153 6.38 -5.58 14.74
CA ASP B 153 7.15 -6.60 15.45
C ASP B 153 6.34 -7.31 16.58
N PRO B 154 6.76 -8.48 16.99
CA PRO B 154 5.95 -9.23 17.99
C PRO B 154 6.06 -8.64 19.42
N ALA B 155 7.04 -7.79 19.62
CA ALA B 155 7.18 -7.03 20.88
C ALA B 155 7.78 -5.67 20.63
N PRO B 156 7.42 -4.67 21.46
CA PRO B 156 8.01 -3.31 21.40
C PRO B 156 9.39 -3.35 22.04
N PRO B 157 10.22 -2.45 21.61
CA PRO B 157 11.60 -2.52 22.06
C PRO B 157 11.68 -2.09 23.54
N ALA B 158 12.55 -2.76 24.26
CA ALA B 158 12.88 -2.35 25.66
C ALA B 158 13.35 -0.88 25.67
N GLU B 159 13.10 -0.20 26.81
CA GLU B 159 13.60 1.19 27.00
C GLU B 159 15.11 1.26 27.29
N GLU B 160 15.65 0.24 27.89
CA GLU B 160 17.08 0.12 28.25
C GLU B 160 17.92 0.39 27.01
N ARG B 161 18.90 1.27 27.16
CA ARG B 161 19.73 1.71 26.01
C ARG B 161 21.11 1.10 26.07
N ASP B 162 21.54 0.58 27.20
CA ASP B 162 22.86 0.00 27.33
C ASP B 162 22.85 -1.36 26.67
N VAL B 163 23.70 -1.51 25.66
CA VAL B 163 23.84 -2.82 24.95
C VAL B 163 24.19 -3.99 25.83
N GLY B 164 25.18 -3.83 26.74
CA GLY B 164 25.46 -4.94 27.58
C GLY B 164 24.34 -5.37 28.51
N ARG B 165 23.54 -4.42 28.98
CA ARG B 165 22.40 -4.70 29.86
C ARG B 165 21.27 -5.40 29.01
N LEU B 166 21.15 -4.95 27.78
CA LEU B 166 20.18 -5.61 26.83
C LEU B 166 20.59 -7.04 26.54
N ARG B 167 21.87 -7.31 26.29
CA ARG B 167 22.38 -8.62 26.15
CA ARG B 167 22.42 -8.63 26.16
C ARG B 167 22.06 -9.52 27.31
N GLU B 168 22.28 -9.01 28.53
CA GLU B 168 22.00 -9.85 29.70
C GLU B 168 20.52 -10.26 29.72
N ALA B 169 19.62 -9.33 29.47
CA ALA B 169 18.18 -9.61 29.45
C ALA B 169 17.85 -10.62 28.34
N LEU B 170 18.43 -10.39 27.17
CA LEU B 170 18.20 -11.28 26.00
C LEU B 170 18.49 -12.72 26.28
N LEU B 171 19.65 -12.99 26.94
CA LEU B 171 20.15 -14.29 27.12
C LEU B 171 19.79 -14.94 28.51
N ASP B 172 19.00 -14.26 29.27
CA ASP B 172 18.59 -14.78 30.61
C ASP B 172 17.34 -15.66 30.48
N GLU B 173 17.59 -16.95 30.47
CA GLU B 173 16.54 -17.97 30.29
C GLU B 173 15.50 -17.97 31.38
N SER B 174 15.76 -17.27 32.49
CA SER B 174 14.77 -17.25 33.58
C SER B 174 13.74 -16.14 33.39
N ARG B 175 13.91 -15.21 32.42
CA ARG B 175 13.02 -14.10 32.22
C ARG B 175 11.92 -14.51 31.31
N PRO B 176 10.75 -13.86 31.41
CA PRO B 176 9.67 -14.13 30.55
C PRO B 176 10.06 -13.86 29.09
N LEU B 177 9.57 -14.70 28.22
CA LEU B 177 9.89 -14.57 26.78
C LEU B 177 9.62 -13.18 26.20
N PHE B 178 8.52 -12.54 26.57
CA PHE B 178 8.19 -11.24 26.06
C PHE B 178 9.28 -10.23 26.44
N GLU B 179 9.73 -10.25 27.66
CA GLU B 179 10.76 -9.32 28.10
C GLU B 179 12.09 -9.56 27.35
N ARG B 180 12.40 -10.79 27.04
CA ARG B 180 13.58 -11.13 26.24
C ARG B 180 13.44 -10.65 24.80
N TYR B 181 12.25 -10.77 24.24
CA TYR B 181 12.00 -10.20 22.94
C TYR B 181 12.08 -8.71 22.90
N ARG B 182 11.56 -7.99 23.93
CA ARG B 182 11.72 -6.56 23.99
C ARG B 182 13.21 -6.21 23.91
N ALA B 183 14.04 -6.98 24.58
CA ALA B 183 15.52 -6.69 24.59
C ALA B 183 16.07 -6.94 23.17
N MET B 184 15.59 -8.01 22.55
CA MET B 184 16.00 -8.41 21.18
C MET B 184 15.75 -7.29 20.20
N PHE B 185 14.56 -6.72 20.22
CA PHE B 185 14.22 -5.66 19.32
C PHE B 185 14.96 -4.36 19.64
N ALA B 186 15.19 -4.05 20.92
CA ALA B 186 16.01 -2.89 21.26
C ALA B 186 17.46 -3.11 20.78
N LEU B 187 17.97 -4.32 20.81
CA LEU B 187 19.33 -4.62 20.25
C LEU B 187 19.38 -4.39 18.76
N ARG B 188 18.37 -4.91 18.04
CA ARG B 188 18.31 -4.62 16.63
C ARG B 188 18.32 -3.12 16.35
N ASN B 189 17.56 -2.32 17.12
CA ASN B 189 17.38 -0.95 16.84
C ASN B 189 18.67 -0.18 17.17
N ALA B 190 19.35 -0.64 18.19
CA ALA B 190 20.69 -0.07 18.56
C ALA B 190 21.66 -0.20 17.41
N GLY B 191 21.68 -1.37 16.81
CA GLY B 191 22.57 -1.68 15.73
C GLY B 191 24.02 -1.72 16.11
N GLY B 192 24.83 -1.97 15.11
CA GLY B 192 26.27 -2.07 15.32
C GLY B 192 26.76 -3.44 15.72
N GLU B 193 28.07 -3.62 15.66
CA GLU B 193 28.66 -4.90 15.94
C GLU B 193 28.39 -5.50 17.31
N GLU B 194 28.44 -4.67 18.36
CA GLU B 194 28.28 -5.18 19.73
C GLU B 194 26.84 -5.81 19.85
N ALA B 195 25.89 -5.10 19.30
CA ALA B 195 24.44 -5.57 19.36
C ALA B 195 24.28 -6.78 18.50
N ALA B 196 24.92 -6.80 17.32
CA ALA B 196 24.89 -7.97 16.42
C ALA B 196 25.45 -9.23 17.04
N LEU B 197 26.62 -9.07 17.75
CA LEU B 197 27.21 -10.16 18.38
C LEU B 197 26.37 -10.67 19.61
N ALA B 198 25.72 -9.74 20.34
CA ALA B 198 24.85 -10.10 21.44
C ALA B 198 23.70 -10.99 20.91
N LEU B 199 23.10 -10.47 19.83
CA LEU B 199 21.99 -11.22 19.20
C LEU B 199 22.42 -12.57 18.78
N ALA B 200 23.58 -12.68 18.10
CA ALA B 200 24.05 -13.92 17.62
C ALA B 200 24.25 -14.99 18.70
N GLU B 201 24.53 -14.57 19.95
CA GLU B 201 24.63 -15.51 21.07
C GLU B 201 23.27 -16.13 21.33
N GLY B 202 22.24 -15.42 20.88
CA GLY B 202 20.86 -15.96 21.05
C GLY B 202 20.59 -17.19 20.22
N LEU B 203 21.40 -17.46 19.20
CA LEU B 203 21.34 -18.71 18.46
C LEU B 203 21.74 -19.96 19.21
N HIS B 204 22.19 -19.79 20.45
CA HIS B 204 22.53 -20.95 21.32
C HIS B 204 21.64 -21.05 22.56
N CYS B 205 20.52 -20.38 22.53
CA CYS B 205 19.48 -20.41 23.56
C CYS B 205 18.41 -21.46 23.38
N GLY B 206 17.65 -21.65 24.43
CA GLY B 206 16.73 -22.77 24.48
C GLY B 206 15.50 -22.85 23.63
N SER B 207 14.75 -21.76 23.42
CA SER B 207 13.58 -22.02 22.62
C SER B 207 13.78 -21.82 21.11
N ALA B 208 13.24 -22.75 20.32
CA ALA B 208 13.35 -22.74 18.89
C ALA B 208 12.72 -21.46 18.38
N LEU B 209 11.51 -21.15 18.86
CA LEU B 209 10.91 -19.88 18.45
C LEU B 209 11.80 -18.66 18.65
N PHE B 210 12.37 -18.57 19.86
CA PHE B 210 13.27 -17.53 20.21
C PHE B 210 14.46 -17.46 19.21
N ARG B 211 15.09 -18.58 18.92
CA ARG B 211 16.26 -18.62 18.02
C ARG B 211 15.90 -18.21 16.58
N HIS B 212 14.68 -18.61 16.16
CA HIS B 212 14.23 -18.10 14.82
C HIS B 212 14.01 -16.63 14.80
N GLU B 213 13.50 -16.02 15.90
CA GLU B 213 13.32 -14.64 15.94
C GLU B 213 14.67 -13.88 15.89
N VAL B 214 15.66 -14.44 16.57
CA VAL B 214 17.00 -13.87 16.50
C VAL B 214 17.53 -13.92 15.04
N GLY B 215 17.31 -15.01 14.34
CA GLY B 215 17.65 -15.07 12.90
C GLY B 215 17.01 -13.98 12.12
N TYR B 216 15.69 -13.84 12.29
CA TYR B 216 14.92 -12.76 11.63
C TYR B 216 15.48 -11.38 11.88
N VAL B 217 15.71 -11.01 13.14
CA VAL B 217 16.15 -9.64 13.41
C VAL B 217 17.62 -9.45 12.90
N LEU B 218 18.43 -10.48 12.98
CA LEU B 218 19.79 -10.40 12.37
C LEU B 218 19.74 -10.22 10.86
N GLY B 219 18.74 -10.81 10.21
CA GLY B 219 18.53 -10.52 8.78
C GLY B 219 18.04 -9.11 8.52
N GLN B 220 17.23 -8.55 9.42
CA GLN B 220 16.80 -7.18 9.30
C GLN B 220 17.99 -6.22 9.50
N LEU B 221 18.76 -6.49 10.51
CA LEU B 221 19.92 -5.63 10.84
C LEU B 221 20.99 -5.60 9.75
N GLN B 222 21.22 -6.75 9.12
CA GLN B 222 22.17 -6.92 8.04
C GLN B 222 23.61 -6.62 8.40
N HIS B 223 23.98 -6.79 9.63
CA HIS B 223 25.38 -6.66 10.04
C HIS B 223 26.15 -7.96 9.81
N GLU B 224 27.33 -7.86 9.16
CA GLU B 224 28.07 -9.01 8.82
C GLU B 224 28.76 -9.78 9.94
N ALA B 225 28.76 -9.20 11.14
CA ALA B 225 29.32 -9.87 12.31
C ALA B 225 28.59 -11.10 12.72
N ALA B 226 27.31 -11.16 12.32
CA ALA B 226 26.48 -12.34 12.57
C ALA B 226 26.70 -13.49 11.64
N VAL B 227 27.46 -13.34 10.55
CA VAL B 227 27.51 -14.36 9.56
C VAL B 227 28.00 -15.70 10.07
N PRO B 228 29.10 -15.71 10.83
CA PRO B 228 29.53 -17.08 11.20
C PRO B 228 28.54 -17.89 12.03
N GLN B 229 27.85 -17.22 12.97
CA GLN B 229 26.82 -17.89 13.82
C GLN B 229 25.59 -18.25 13.00
N LEU B 230 25.22 -17.37 12.09
CA LEU B 230 24.08 -17.70 11.19
C LEU B 230 24.38 -18.97 10.35
N ALA B 231 25.55 -18.99 9.75
CA ALA B 231 25.95 -20.06 8.88
C ALA B 231 26.05 -21.40 9.65
N ALA B 232 26.56 -21.29 10.87
CA ALA B 232 26.66 -22.44 11.75
C ALA B 232 25.31 -23.02 12.13
N ALA B 233 24.34 -22.15 12.38
CA ALA B 233 22.99 -22.55 12.69
C ALA B 233 22.32 -23.21 11.49
N LEU B 234 22.45 -22.63 10.30
CA LEU B 234 21.96 -23.23 9.10
C LEU B 234 22.54 -24.64 8.84
N ALA B 235 23.81 -24.81 9.20
CA ALA B 235 24.46 -26.05 9.00
C ALA B 235 24.14 -27.13 10.01
N ARG B 236 23.41 -26.79 11.05
CA ARG B 236 23.05 -27.79 12.09
CA ARG B 236 23.06 -27.77 12.12
C ARG B 236 21.97 -28.66 11.55
N CYS B 237 22.29 -29.92 11.26
CA CYS B 237 21.26 -30.75 10.72
C CYS B 237 20.19 -31.20 11.74
N THR B 238 20.42 -31.02 13.05
CA THR B 238 19.46 -31.34 14.07
C THR B 238 18.61 -30.13 14.47
N GLU B 239 18.94 -28.94 13.93
CA GLU B 239 18.23 -27.74 14.34
C GLU B 239 16.83 -27.76 13.72
N ASN B 240 15.90 -27.07 14.37
CA ASN B 240 14.49 -27.01 13.97
C ASN B 240 14.54 -26.37 12.58
N PRO B 241 13.79 -26.89 11.62
CA PRO B 241 13.83 -26.32 10.26
C PRO B 241 13.43 -24.87 10.27
N MET B 242 12.57 -24.43 11.20
CA MET B 242 12.17 -23.02 11.25
CA MET B 242 12.15 -23.03 11.28
C MET B 242 13.34 -22.10 11.54
N VAL B 243 14.23 -22.53 12.42
CA VAL B 243 15.40 -21.75 12.72
C VAL B 243 16.36 -21.73 11.54
N ARG B 244 16.58 -22.88 10.93
CA ARG B 244 17.50 -22.99 9.78
C ARG B 244 17.03 -22.10 8.64
N HIS B 245 15.73 -22.15 8.40
CA HIS B 245 15.16 -21.27 7.35
C HIS B 245 15.39 -19.78 7.61
N GLU B 246 15.18 -19.31 8.84
CA GLU B 246 15.32 -17.94 9.14
C GLU B 246 16.78 -17.50 9.03
N CYS B 247 17.69 -18.40 9.40
CA CYS B 247 19.10 -18.05 9.29
C CYS B 247 19.54 -17.99 7.81
N ALA B 248 19.04 -18.88 6.96
CA ALA B 248 19.32 -18.81 5.51
C ALA B 248 18.85 -17.48 4.96
N GLU B 249 17.61 -17.11 5.26
CA GLU B 249 17.10 -15.82 4.73
C GLU B 249 17.94 -14.65 5.25
N ALA B 250 18.39 -14.66 6.51
CA ALA B 250 19.24 -13.61 7.02
C ALA B 250 20.59 -13.52 6.24
N LEU B 251 21.19 -14.68 5.97
CA LEU B 251 22.37 -14.75 5.13
C LEU B 251 22.14 -14.14 3.76
N GLY B 252 20.99 -14.39 3.22
CA GLY B 252 20.59 -13.79 1.90
C GLY B 252 20.53 -12.27 1.95
N ALA B 253 19.90 -11.75 2.97
CA ALA B 253 19.80 -10.29 3.21
C ALA B 253 21.16 -9.63 3.42
N ILE B 254 22.06 -10.30 4.12
CA ILE B 254 23.42 -9.75 4.38
C ILE B 254 24.26 -9.74 3.14
N ALA B 255 24.24 -10.85 2.39
CA ALA B 255 24.81 -10.92 1.00
C ALA B 255 26.28 -10.53 0.92
N ARG B 256 27.08 -11.16 1.76
CA ARG B 256 28.52 -11.03 1.72
C ARG B 256 29.12 -12.36 1.28
N PRO B 257 30.37 -12.32 0.80
CA PRO B 257 31.00 -13.53 0.37
C PRO B 257 30.90 -14.74 1.33
N ALA B 258 31.14 -14.51 2.61
CA ALA B 258 31.05 -15.61 3.55
C ALA B 258 29.61 -16.19 3.58
N CYS B 259 28.60 -15.45 3.11
CA CYS B 259 27.19 -15.99 3.11
C CYS B 259 26.94 -16.98 2.00
N LEU B 260 27.76 -16.87 0.94
CA LEU B 260 27.50 -17.64 -0.26
C LEU B 260 27.76 -19.11 -0.08
N ALA B 261 28.91 -19.46 0.50
CA ALA B 261 29.25 -20.87 0.71
C ALA B 261 28.18 -21.62 1.50
N ALA B 262 27.70 -20.98 2.56
CA ALA B 262 26.68 -21.60 3.41
C ALA B 262 25.34 -21.87 2.64
N LEU B 263 24.90 -20.91 1.90
CA LEU B 263 23.62 -21.00 1.21
C LEU B 263 23.74 -22.04 0.13
N GLN B 264 24.85 -21.97 -0.61
CA GLN B 264 25.04 -22.99 -1.71
C GLN B 264 25.09 -24.38 -1.24
N ALA B 265 25.71 -24.59 -0.08
CA ALA B 265 25.84 -25.89 0.54
C ALA B 265 24.58 -26.55 0.96
N HIS B 266 23.53 -25.75 1.18
CA HIS B 266 22.25 -26.28 1.57
C HIS B 266 21.14 -26.15 0.52
N ALA B 267 21.48 -25.72 -0.69
CA ALA B 267 20.50 -25.64 -1.77
C ALA B 267 19.83 -26.91 -2.19
N ASP B 268 20.45 -28.06 -1.88
CA ASP B 268 19.77 -29.35 -2.17
C ASP B 268 19.41 -30.03 -0.84
N ASP B 269 19.22 -29.26 0.27
CA ASP B 269 18.99 -29.88 1.59
C ASP B 269 17.76 -30.75 1.47
N PRO B 270 17.73 -31.88 2.21
CA PRO B 270 16.56 -32.74 2.24
C PRO B 270 15.31 -32.11 2.89
N GLU B 271 15.48 -31.08 3.70
CA GLU B 271 14.36 -30.37 4.33
C GLU B 271 13.86 -29.32 3.35
N ARG B 272 12.63 -29.46 2.88
CA ARG B 272 12.12 -28.59 1.88
C ARG B 272 12.10 -27.13 2.25
N VAL B 273 11.75 -26.83 3.50
CA VAL B 273 11.74 -25.41 3.90
C VAL B 273 13.12 -24.80 3.87
N VAL B 274 14.16 -25.61 4.15
CA VAL B 274 15.53 -25.12 4.13
C VAL B 274 16.04 -24.93 2.69
N ARG B 275 15.73 -25.87 1.83
CA ARG B 275 16.07 -25.74 0.45
C ARG B 275 15.43 -24.55 -0.20
N GLU B 276 14.14 -24.37 0.05
CA GLU B 276 13.44 -23.26 -0.57
C GLU B 276 13.92 -21.88 -0.01
N SER B 277 14.26 -21.78 1.28
CA SER B 277 14.80 -20.62 1.82
C SER B 277 16.17 -20.30 1.17
N CYS B 278 17.00 -21.33 0.97
CA CYS B 278 18.29 -21.10 0.30
C CYS B 278 18.09 -20.62 -1.13
N GLU B 279 17.14 -21.17 -1.87
CA GLU B 279 16.77 -20.76 -3.18
C GLU B 279 16.47 -19.26 -3.22
N VAL B 280 15.58 -18.82 -2.34
CA VAL B 280 15.23 -17.38 -2.30
C VAL B 280 16.37 -16.53 -1.78
N ALA B 281 17.14 -17.03 -0.83
CA ALA B 281 18.27 -16.28 -0.26
C ALA B 281 19.40 -16.10 -1.29
N LEU B 282 19.59 -17.11 -2.14
CA LEU B 282 20.58 -17.02 -3.22
C LEU B 282 20.14 -16.08 -4.30
N ASP B 283 18.87 -16.10 -4.67
CA ASP B 283 18.37 -14.98 -5.50
C ASP B 283 18.61 -13.57 -4.86
N MET B 284 18.36 -13.41 -3.56
CA MET B 284 18.62 -12.12 -2.94
C MET B 284 20.11 -11.76 -3.01
N TYR B 285 20.95 -12.77 -2.74
CA TYR B 285 22.44 -12.63 -2.84
C TYR B 285 22.80 -12.18 -4.28
N GLU B 286 22.05 -12.67 -5.25
CA GLU B 286 22.19 -12.21 -6.66
C GLU B 286 21.91 -10.73 -6.81
N HIS B 287 20.76 -10.27 -6.33
CA HIS B 287 20.37 -8.87 -6.53
C HIS B 287 21.21 -7.89 -5.71
N GLU B 288 21.69 -8.32 -4.53
CA GLU B 288 22.46 -7.41 -3.65
C GLU B 288 23.89 -7.20 -4.15
N THR B 289 24.50 -8.26 -4.67
CA THR B 289 25.85 -8.17 -5.19
C THR B 289 25.82 -7.72 -6.68
N GLY B 290 24.63 -7.46 -7.24
CA GLY B 290 24.49 -6.94 -8.61
C GLY B 290 24.97 -7.91 -9.67
#